data_1KZL
#
_entry.id   1KZL
#
_cell.length_a   70.485
_cell.length_b   70.485
_cell.length_c   92.952
_cell.angle_alpha   90.00
_cell.angle_beta   90.00
_cell.angle_gamma   120.00
#
_symmetry.space_group_name_H-M   'P 61'
#
loop_
_entity.id
_entity.type
_entity.pdbx_description
1 polymer 'Riboflavin Synthase'
2 non-polymer 'MERCURY (II) ION'
3 non-polymer '3-[8-((2S,3S,4R)-2,3,4,5-TETRAHYDROXYPENTYL)-2,4,7-TRIOXO-1,3,8-TRIHYDROPTERIDIN-6-YL]PROPANOIC ACID'
4 water water
#
_entity_poly.entity_id   1
_entity_poly.type   'polypeptide(L)'
_entity_poly.pdbx_seq_one_letter_code
;MFTGLVEAIGVVKDVQGTIDNGFAMKIEAPQILDDCHTGDSIAVNGTCLTVTDFDRYHFTVGIAPESLRLTNLGQCKAGD
PVNLERAVLSSTRMGGHFVQGHVDTVAEIVEKKQDGEAIDFTFRPRDPFVLKYIVYKGYIALDGTSLTITHVDDSTFSIM
MISYTQSKVIMAKKNVGDLVNVEVDQIGKYTEKLVEAHIADWIKKTQA
;
_entity_poly.pdbx_strand_id   A
#
# COMPACT_ATOMS: atom_id res chain seq x y z
N MET A 1 -0.73 -1.00 12.41
CA MET A 1 0.62 -1.50 12.00
C MET A 1 0.47 -2.78 11.19
N PHE A 2 1.31 -2.93 10.17
CA PHE A 2 1.24 -4.10 9.32
C PHE A 2 2.61 -4.63 8.95
N THR A 3 2.63 -5.70 8.15
CA THR A 3 3.87 -6.33 7.73
C THR A 3 4.13 -6.18 6.24
N GLY A 4 3.08 -5.94 5.45
CA GLY A 4 3.29 -5.82 4.02
C GLY A 4 3.13 -7.16 3.34
N LEU A 5 2.81 -8.18 4.12
CA LEU A 5 2.58 -9.52 3.59
C LEU A 5 1.07 -9.60 3.40
N VAL A 6 0.61 -9.27 2.21
CA VAL A 6 -0.82 -9.27 1.91
C VAL A 6 -1.45 -10.64 2.22
N GLU A 7 -2.54 -10.63 2.96
CA GLU A 7 -3.25 -11.86 3.36
C GLU A 7 -4.31 -12.32 2.38
N ALA A 8 -4.96 -11.38 1.72
CA ALA A 8 -6.01 -11.73 0.78
C ALA A 8 -6.34 -10.58 -0.15
N ILE A 9 -7.15 -10.90 -1.14
CA ILE A 9 -7.62 -9.94 -2.13
C ILE A 9 -9.13 -9.88 -2.01
N GLY A 10 -9.64 -8.72 -1.59
CA GLY A 10 -11.08 -8.58 -1.45
C GLY A 10 -11.65 -7.93 -2.69
N VAL A 11 -12.96 -7.70 -2.70
CA VAL A 11 -13.62 -7.07 -3.83
C VAL A 11 -14.54 -5.94 -3.34
N VAL A 12 -14.38 -4.76 -3.93
CA VAL A 12 -15.22 -3.62 -3.56
C VAL A 12 -16.64 -3.95 -4.03
N LYS A 13 -17.62 -3.77 -3.14
CA LYS A 13 -19.00 -4.09 -3.51
C LYS A 13 -19.89 -2.86 -3.65
N ASP A 14 -19.53 -1.78 -2.97
CA ASP A 14 -20.32 -0.56 -3.03
C ASP A 14 -19.47 0.62 -2.58
N VAL A 15 -19.60 1.74 -3.29
CA VAL A 15 -18.86 2.96 -2.95
C VAL A 15 -19.84 4.11 -3.11
N GLN A 16 -19.95 4.95 -2.08
CA GLN A 16 -20.85 6.10 -2.11
C GLN A 16 -20.11 7.29 -1.52
N GLY A 17 -20.42 8.48 -2.02
CA GLY A 17 -19.78 9.67 -1.52
C GLY A 17 -19.18 10.46 -2.64
N THR A 18 -18.24 11.35 -2.31
CA THR A 18 -17.58 12.18 -3.31
C THR A 18 -16.12 12.36 -2.94
N ILE A 19 -15.34 12.81 -3.91
CA ILE A 19 -13.92 13.06 -3.70
C ILE A 19 -13.66 14.12 -2.64
N ASP A 20 -14.46 15.19 -2.64
CA ASP A 20 -14.28 16.28 -1.68
C ASP A 20 -14.79 16.05 -0.27
N ASN A 21 -15.81 15.20 -0.11
CA ASN A 21 -16.35 14.94 1.22
C ASN A 21 -16.04 13.57 1.82
N GLY A 22 -15.61 12.63 0.98
CA GLY A 22 -15.28 11.31 1.49
C GLY A 22 -16.13 10.19 0.95
N PHE A 23 -15.61 8.97 1.08
CA PHE A 23 -16.29 7.76 0.61
C PHE A 23 -16.70 6.83 1.75
N ALA A 24 -17.79 6.10 1.51
CA ALA A 24 -18.26 5.07 2.43
C ALA A 24 -18.07 3.87 1.50
N MET A 25 -17.29 2.88 1.92
CA MET A 25 -17.03 1.74 1.04
C MET A 25 -17.30 0.39 1.69
N LYS A 26 -17.89 -0.51 0.91
CA LYS A 26 -18.21 -1.85 1.40
C LYS A 26 -17.33 -2.83 0.64
N ILE A 27 -16.65 -3.70 1.37
CA ILE A 27 -15.75 -4.68 0.79
C ILE A 27 -16.08 -6.13 1.17
N GLU A 28 -16.07 -7.01 0.18
CA GLU A 28 -16.33 -8.43 0.41
C GLU A 28 -15.00 -9.11 0.66
N ALA A 29 -14.87 -9.79 1.79
CA ALA A 29 -13.64 -10.47 2.15
C ALA A 29 -13.83 -11.45 3.30
N PRO A 30 -14.69 -12.47 3.11
CA PRO A 30 -14.94 -13.46 4.16
C PRO A 30 -13.68 -14.12 4.69
N GLN A 31 -12.65 -14.20 3.85
CA GLN A 31 -11.38 -14.83 4.22
C GLN A 31 -10.73 -14.22 5.45
N ILE A 32 -11.04 -12.95 5.75
CA ILE A 32 -10.40 -12.32 6.90
C ILE A 32 -11.38 -11.66 7.87
N LEU A 33 -12.63 -12.10 7.87
CA LEU A 33 -13.62 -11.51 8.75
C LEU A 33 -14.02 -12.37 9.94
N ASP A 34 -13.38 -13.53 10.07
CA ASP A 34 -13.67 -14.44 11.17
C ASP A 34 -13.42 -13.81 12.55
N ASP A 35 -12.48 -12.87 12.61
CA ASP A 35 -12.15 -12.22 13.88
C ASP A 35 -12.32 -10.71 13.82
N CYS A 36 -13.29 -10.23 13.05
CA CYS A 36 -13.48 -8.79 12.93
C CYS A 36 -14.20 -8.18 14.13
N HIS A 37 -13.95 -6.90 14.36
CA HIS A 37 -14.55 -6.15 15.47
C HIS A 37 -14.56 -4.69 15.04
N THR A 38 -15.66 -3.99 15.32
CA THR A 38 -15.75 -2.58 14.95
C THR A 38 -14.57 -1.82 15.55
N GLY A 39 -13.97 -0.93 14.77
CA GLY A 39 -12.84 -0.16 15.26
C GLY A 39 -11.49 -0.73 14.84
N ASP A 40 -11.48 -1.99 14.39
CA ASP A 40 -10.24 -2.61 13.93
C ASP A 40 -9.61 -1.83 12.78
N SER A 41 -8.31 -2.02 12.59
CA SER A 41 -7.59 -1.38 11.50
C SER A 41 -7.27 -2.40 10.43
N ILE A 42 -7.68 -2.11 9.19
CA ILE A 42 -7.41 -3.00 8.08
C ILE A 42 -6.78 -2.18 6.96
N ALA A 43 -5.72 -2.71 6.37
CA ALA A 43 -5.04 -2.02 5.28
C ALA A 43 -5.64 -2.44 3.95
N VAL A 44 -6.16 -1.47 3.21
CA VAL A 44 -6.77 -1.71 1.90
C VAL A 44 -5.79 -1.07 0.90
N ASN A 45 -5.12 -1.91 0.12
CA ASN A 45 -4.11 -1.41 -0.81
C ASN A 45 -3.07 -0.60 -0.02
N GLY A 46 -2.75 -1.08 1.17
CA GLY A 46 -1.76 -0.43 2.00
C GLY A 46 -2.23 0.80 2.75
N THR A 47 -3.53 1.08 2.69
CA THR A 47 -4.09 2.24 3.36
C THR A 47 -4.79 1.78 4.64
N CYS A 48 -4.28 2.21 5.79
CA CYS A 48 -4.89 1.84 7.06
C CYS A 48 -6.24 2.53 7.18
N LEU A 49 -7.30 1.72 7.33
CA LEU A 49 -8.66 2.24 7.47
C LEU A 49 -9.34 1.57 8.66
N THR A 50 -10.31 2.27 9.26
CA THR A 50 -11.04 1.77 10.43
C THR A 50 -12.38 1.13 10.08
N VAL A 51 -12.57 -0.11 10.53
CA VAL A 51 -13.81 -0.85 10.30
C VAL A 51 -14.97 -0.14 11.00
N THR A 52 -16.00 0.23 10.24
CA THR A 52 -17.16 0.91 10.82
C THR A 52 -18.31 -0.07 11.07
N ASP A 53 -18.29 -1.19 10.37
CA ASP A 53 -19.32 -2.21 10.53
C ASP A 53 -18.88 -3.44 9.73
N PHE A 54 -19.51 -4.58 9.99
CA PHE A 54 -19.14 -5.79 9.29
C PHE A 54 -20.09 -6.95 9.58
N ASP A 55 -19.91 -8.02 8.83
CA ASP A 55 -20.66 -9.26 9.02
C ASP A 55 -19.73 -10.34 8.51
N ARG A 56 -20.22 -11.57 8.39
CA ARG A 56 -19.37 -12.66 7.95
C ARG A 56 -18.81 -12.52 6.54
N TYR A 57 -19.44 -11.69 5.72
CA TYR A 57 -19.01 -11.53 4.33
C TYR A 57 -18.45 -10.16 3.93
N HIS A 58 -18.92 -9.10 4.60
CA HIS A 58 -18.48 -7.75 4.26
C HIS A 58 -18.08 -6.89 5.45
N PHE A 59 -17.29 -5.85 5.17
CA PHE A 59 -16.91 -4.90 6.20
C PHE A 59 -16.93 -3.54 5.51
N THR A 60 -17.26 -2.50 6.26
CA THR A 60 -17.33 -1.17 5.68
C THR A 60 -16.31 -0.24 6.32
N VAL A 61 -15.95 0.82 5.59
CA VAL A 61 -14.98 1.80 6.06
C VAL A 61 -15.37 3.18 5.59
N GLY A 62 -14.86 4.19 6.30
CA GLY A 62 -15.11 5.56 5.92
C GLY A 62 -13.77 6.07 5.44
N ILE A 63 -13.71 6.61 4.23
CA ILE A 63 -12.45 7.10 3.69
C ILE A 63 -12.48 8.61 3.55
N ALA A 64 -11.63 9.28 4.32
CA ALA A 64 -11.53 10.73 4.32
C ALA A 64 -10.97 11.28 3.02
N PRO A 65 -11.35 12.51 2.67
CA PRO A 65 -10.87 13.18 1.46
C PRO A 65 -9.35 13.14 1.30
N GLU A 66 -8.62 13.33 2.42
CA GLU A 66 -7.16 13.30 2.34
C GLU A 66 -6.66 11.90 1.96
N SER A 67 -7.31 10.86 2.48
CA SER A 67 -6.91 9.50 2.13
C SER A 67 -7.15 9.26 0.64
N LEU A 68 -8.27 9.78 0.14
CA LEU A 68 -8.61 9.64 -1.27
C LEU A 68 -7.65 10.46 -2.14
N ARG A 69 -7.15 11.57 -1.61
CA ARG A 69 -6.24 12.44 -2.37
C ARG A 69 -4.82 11.88 -2.53
N LEU A 70 -4.34 11.16 -1.52
CA LEU A 70 -2.99 10.60 -1.56
C LEU A 70 -2.87 9.14 -1.98
N THR A 71 -4.00 8.50 -2.29
CA THR A 71 -3.97 7.09 -2.69
C THR A 71 -4.80 6.85 -3.95
N ASN A 72 -4.92 5.59 -4.34
CA ASN A 72 -5.71 5.23 -5.52
C ASN A 72 -7.11 4.82 -5.12
N LEU A 73 -7.46 4.99 -3.85
CA LEU A 73 -8.79 4.59 -3.38
C LEU A 73 -9.88 5.49 -3.97
N GLY A 74 -9.48 6.69 -4.40
CA GLY A 74 -10.43 7.61 -4.99
C GLY A 74 -10.93 7.08 -6.33
N GLN A 75 -10.21 6.10 -6.88
CA GLN A 75 -10.58 5.51 -8.18
C GLN A 75 -11.37 4.22 -8.02
N CYS A 76 -11.57 3.78 -6.78
CA CYS A 76 -12.29 2.54 -6.52
C CYS A 76 -13.73 2.52 -7.03
N LYS A 77 -14.10 1.40 -7.64
CA LYS A 77 -15.45 1.19 -8.17
C LYS A 77 -15.89 -0.22 -7.77
N ALA A 78 -17.19 -0.43 -7.64
CA ALA A 78 -17.72 -1.75 -7.30
C ALA A 78 -17.16 -2.72 -8.34
N GLY A 79 -16.62 -3.85 -7.89
CA GLY A 79 -16.05 -4.83 -8.79
C GLY A 79 -14.53 -4.88 -8.74
N ASP A 80 -13.90 -3.81 -8.25
CA ASP A 80 -12.44 -3.75 -8.17
C ASP A 80 -11.88 -4.62 -7.05
N PRO A 81 -10.69 -5.22 -7.29
CA PRO A 81 -10.03 -6.06 -6.29
C PRO A 81 -9.09 -5.17 -5.47
N VAL A 82 -8.92 -5.49 -4.20
CA VAL A 82 -8.03 -4.71 -3.34
C VAL A 82 -7.22 -5.63 -2.43
N ASN A 83 -5.99 -5.22 -2.15
CA ASN A 83 -5.13 -6.00 -1.25
C ASN A 83 -5.63 -5.74 0.16
N LEU A 84 -5.60 -6.76 1.01
CA LEU A 84 -6.05 -6.61 2.39
C LEU A 84 -5.09 -7.27 3.36
N GLU A 85 -4.93 -6.64 4.52
CA GLU A 85 -4.07 -7.18 5.57
C GLU A 85 -4.58 -6.68 6.91
N ARG A 86 -4.83 -7.60 7.84
CA ARG A 86 -5.31 -7.21 9.15
C ARG A 86 -4.14 -6.66 9.96
N ALA A 87 -4.45 -5.75 10.88
CA ALA A 87 -3.44 -5.12 11.71
C ALA A 87 -2.85 -6.08 12.75
N VAL A 88 -1.66 -5.75 13.21
CA VAL A 88 -0.98 -6.55 14.21
C VAL A 88 -0.01 -5.65 14.96
N LEU A 89 -0.03 -5.74 16.28
CA LEU A 89 0.87 -4.94 17.10
C LEU A 89 1.95 -5.88 17.62
N SER A 90 3.10 -5.85 16.96
CA SER A 90 4.23 -6.69 17.32
C SER A 90 5.54 -5.94 17.11
N SER A 91 6.48 -6.12 18.03
CA SER A 91 7.77 -5.44 17.94
C SER A 91 8.73 -6.23 17.05
N THR A 92 8.26 -7.37 16.55
CA THR A 92 9.10 -8.20 15.69
C THR A 92 8.59 -8.21 14.26
N ARG A 93 9.49 -8.44 13.32
CA ARG A 93 9.11 -8.49 11.92
C ARG A 93 9.98 -9.46 11.13
N MET A 94 9.63 -10.75 11.24
CA MET A 94 10.33 -11.80 10.52
C MET A 94 9.46 -12.11 9.31
N GLY A 95 9.54 -11.22 8.33
CA GLY A 95 8.75 -11.35 7.12
C GLY A 95 8.18 -9.96 6.91
N GLY A 96 8.35 -9.40 5.71
CA GLY A 96 7.86 -8.06 5.46
C GLY A 96 8.63 -7.07 6.30
N HIS A 97 8.06 -5.91 6.57
CA HIS A 97 8.73 -4.90 7.39
C HIS A 97 7.72 -4.10 8.19
N PHE A 98 8.14 -3.01 8.80
CA PHE A 98 7.21 -2.21 9.59
C PHE A 98 6.43 -1.23 8.72
N VAL A 99 5.26 -1.70 8.28
CA VAL A 99 4.36 -0.91 7.44
C VAL A 99 3.32 -0.26 8.33
N GLN A 100 3.21 1.06 8.25
CA GLN A 100 2.26 1.80 9.06
C GLN A 100 0.86 1.90 8.43
N GLY A 101 0.80 1.80 7.10
CA GLY A 101 -0.47 1.91 6.43
C GLY A 101 -0.78 3.36 6.13
N HIS A 102 0.22 4.22 6.32
CA HIS A 102 0.08 5.63 6.05
C HIS A 102 0.79 5.95 4.74
N VAL A 103 0.02 5.92 3.66
CA VAL A 103 0.50 6.16 2.31
C VAL A 103 1.08 7.56 2.10
N ASP A 104 2.26 7.62 1.49
CA ASP A 104 2.92 8.89 1.20
C ASP A 104 2.41 9.56 -0.07
N THR A 105 2.34 8.79 -1.14
CA THR A 105 1.90 9.32 -2.43
C THR A 105 1.54 8.14 -3.34
N VAL A 106 1.20 8.44 -4.59
CA VAL A 106 0.90 7.38 -5.55
C VAL A 106 2.02 7.37 -6.59
N ALA A 107 2.16 6.25 -7.28
CA ALA A 107 3.19 6.14 -8.31
C ALA A 107 2.56 5.50 -9.54
N GLU A 108 2.93 5.99 -10.71
CA GLU A 108 2.41 5.48 -11.96
C GLU A 108 3.33 4.40 -12.52
N ILE A 109 2.76 3.27 -12.92
CA ILE A 109 3.56 2.19 -13.53
C ILE A 109 3.95 2.70 -14.91
N VAL A 110 5.25 2.78 -15.19
CA VAL A 110 5.74 3.28 -16.47
C VAL A 110 6.38 2.20 -17.33
N GLU A 111 6.64 1.03 -16.74
CA GLU A 111 7.20 -0.09 -17.47
C GLU A 111 6.92 -1.39 -16.75
N LYS A 112 6.66 -2.43 -17.54
CA LYS A 112 6.34 -3.74 -16.99
C LYS A 112 6.80 -4.81 -17.99
N LYS A 113 7.80 -5.59 -17.60
CA LYS A 113 8.32 -6.63 -18.47
C LYS A 113 8.72 -7.87 -17.70
N GLN A 114 8.58 -9.02 -18.36
CA GLN A 114 8.92 -10.29 -17.75
C GLN A 114 10.42 -10.53 -17.73
N ASP A 115 10.92 -11.08 -16.63
CA ASP A 115 12.34 -11.40 -16.49
C ASP A 115 12.36 -12.81 -15.90
N GLY A 116 12.31 -13.80 -16.77
CA GLY A 116 12.29 -15.17 -16.30
C GLY A 116 10.91 -15.41 -15.73
N GLU A 117 10.84 -15.90 -14.50
CA GLU A 117 9.56 -16.18 -13.86
C GLU A 117 9.03 -14.93 -13.14
N ALA A 118 9.88 -13.92 -13.01
CA ALA A 118 9.50 -12.67 -12.32
C ALA A 118 9.04 -11.56 -13.25
N ILE A 119 8.37 -10.57 -12.68
CA ILE A 119 7.90 -9.42 -13.44
C ILE A 119 8.68 -8.19 -12.98
N ASP A 120 9.27 -7.48 -13.92
CA ASP A 120 10.06 -6.28 -13.64
C ASP A 120 9.19 -5.03 -13.78
N PHE A 121 8.87 -4.40 -12.66
CA PHE A 121 8.04 -3.19 -12.67
C PHE A 121 8.88 -1.93 -12.43
N THR A 122 8.51 -0.83 -13.07
CA THR A 122 9.17 0.44 -12.87
C THR A 122 8.07 1.48 -12.62
N PHE A 123 8.22 2.26 -11.56
CA PHE A 123 7.23 3.25 -11.17
C PHE A 123 7.74 4.68 -11.14
N ARG A 124 6.85 5.62 -11.43
CA ARG A 124 7.19 7.04 -11.39
C ARG A 124 6.26 7.66 -10.33
N PRO A 125 6.82 8.05 -9.18
CA PRO A 125 6.03 8.66 -8.11
C PRO A 125 5.56 10.07 -8.43
N ARG A 126 4.33 10.38 -8.03
CA ARG A 126 3.77 11.70 -8.28
C ARG A 126 4.59 12.75 -7.54
N ASP A 127 5.12 12.36 -6.39
CA ASP A 127 5.93 13.25 -5.56
C ASP A 127 7.35 12.69 -5.49
N PRO A 128 8.20 13.10 -6.45
CA PRO A 128 9.60 12.70 -6.59
C PRO A 128 10.45 12.76 -5.32
N PHE A 129 10.13 13.67 -4.41
CA PHE A 129 10.93 13.80 -3.20
C PHE A 129 10.93 12.57 -2.31
N VAL A 130 9.94 11.69 -2.46
CA VAL A 130 9.90 10.47 -1.64
C VAL A 130 11.08 9.56 -2.02
N LEU A 131 11.64 9.79 -3.20
CA LEU A 131 12.77 9.01 -3.71
C LEU A 131 14.00 9.13 -2.78
N LYS A 132 14.03 10.19 -1.97
CA LYS A 132 15.15 10.38 -1.06
C LYS A 132 15.07 9.35 0.07
N TYR A 133 13.92 8.68 0.20
CA TYR A 133 13.74 7.68 1.25
C TYR A 133 13.69 6.27 0.66
N ILE A 134 14.16 6.14 -0.58
CA ILE A 134 14.16 4.86 -1.28
C ILE A 134 15.57 4.55 -1.75
N VAL A 135 16.06 3.35 -1.41
CA VAL A 135 17.41 2.97 -1.80
C VAL A 135 17.50 1.54 -2.34
N TYR A 136 18.55 1.30 -3.13
CA TYR A 136 18.80 -0.01 -3.70
C TYR A 136 18.77 -1.06 -2.59
N LYS A 137 17.98 -2.11 -2.82
CA LYS A 137 17.83 -3.22 -1.88
C LYS A 137 17.07 -2.86 -0.60
N GLY A 138 16.47 -1.67 -0.58
CA GLY A 138 15.72 -1.28 0.60
C GLY A 138 14.28 -1.77 0.49
N TYR A 139 13.51 -1.60 1.56
CA TYR A 139 12.11 -1.99 1.58
C TYR A 139 11.24 -0.87 1.04
N ILE A 140 10.00 -1.22 0.71
CA ILE A 140 9.00 -0.28 0.24
C ILE A 140 7.68 -1.04 0.20
N ALA A 141 6.57 -0.33 0.42
CA ALA A 141 5.26 -0.96 0.37
C ALA A 141 4.47 -0.34 -0.77
N LEU A 142 4.07 -1.18 -1.73
CA LEU A 142 3.31 -0.71 -2.89
C LEU A 142 1.95 -1.38 -2.79
N ASP A 143 0.89 -0.58 -2.65
CA ASP A 143 -0.47 -1.10 -2.48
C ASP A 143 -0.46 -2.08 -1.30
N GLY A 144 0.34 -1.74 -0.28
CA GLY A 144 0.43 -2.57 0.92
C GLY A 144 1.29 -3.82 0.81
N THR A 145 2.00 -3.97 -0.29
CA THR A 145 2.85 -5.13 -0.50
C THR A 145 4.31 -4.83 -0.17
N SER A 146 4.91 -5.61 0.71
CA SER A 146 6.32 -5.40 1.05
C SER A 146 7.14 -5.90 -0.13
N LEU A 147 7.96 -5.02 -0.69
CA LEU A 147 8.79 -5.39 -1.83
C LEU A 147 10.22 -4.85 -1.71
N THR A 148 11.12 -5.45 -2.48
CA THR A 148 12.52 -5.07 -2.46
C THR A 148 12.89 -4.19 -3.65
N ILE A 149 13.42 -3.00 -3.36
CA ILE A 149 13.84 -2.08 -4.41
C ILE A 149 14.99 -2.68 -5.22
N THR A 150 14.82 -2.75 -6.54
CA THR A 150 15.84 -3.32 -7.42
C THR A 150 16.60 -2.26 -8.21
N HIS A 151 16.04 -1.05 -8.23
CA HIS A 151 16.64 0.07 -8.94
C HIS A 151 15.93 1.34 -8.54
N VAL A 152 16.64 2.47 -8.63
CA VAL A 152 16.08 3.76 -8.30
C VAL A 152 16.97 4.87 -8.87
N ASP A 153 16.36 5.94 -9.37
CA ASP A 153 17.09 7.07 -9.91
C ASP A 153 16.37 8.36 -9.53
N ASP A 154 16.67 9.47 -10.22
CA ASP A 154 16.05 10.73 -9.85
C ASP A 154 14.56 10.90 -10.14
N SER A 155 13.96 9.95 -10.87
CA SER A 155 12.53 10.06 -11.15
C SER A 155 11.73 8.75 -11.05
N THR A 156 12.42 7.62 -10.85
CA THR A 156 11.71 6.34 -10.75
C THR A 156 12.38 5.36 -9.81
N PHE A 157 11.68 4.24 -9.57
CA PHE A 157 12.19 3.16 -8.74
C PHE A 157 11.58 1.88 -9.30
N SER A 158 12.22 0.75 -9.06
CA SER A 158 11.74 -0.53 -9.58
C SER A 158 11.75 -1.65 -8.56
N ILE A 159 10.97 -2.70 -8.86
CA ILE A 159 10.91 -3.89 -8.03
C ILE A 159 10.72 -5.11 -8.91
N MET A 160 11.04 -6.28 -8.37
CA MET A 160 10.90 -7.54 -9.08
C MET A 160 9.86 -8.38 -8.34
N MET A 161 8.80 -8.76 -9.02
CA MET A 161 7.75 -9.56 -8.40
C MET A 161 7.89 -11.04 -8.74
N ILE A 162 8.21 -11.84 -7.74
CA ILE A 162 8.41 -13.28 -7.94
C ILE A 162 7.10 -14.03 -8.14
N SER A 163 7.22 -15.25 -8.65
CA SER A 163 6.07 -16.11 -8.93
C SER A 163 5.10 -16.28 -7.77
N TYR A 164 5.63 -16.54 -6.58
CA TYR A 164 4.79 -16.72 -5.40
C TYR A 164 3.85 -15.55 -5.12
N THR A 165 4.37 -14.34 -5.29
CA THR A 165 3.61 -13.12 -5.02
C THR A 165 2.57 -12.75 -6.09
N GLN A 166 2.87 -13.08 -7.35
CA GLN A 166 1.98 -12.76 -8.48
C GLN A 166 0.53 -13.21 -8.31
N SER A 167 0.32 -14.31 -7.59
CA SER A 167 -1.04 -14.81 -7.40
C SER A 167 -1.65 -14.34 -6.09
N LYS A 168 -0.91 -13.50 -5.36
CA LYS A 168 -1.39 -13.02 -4.06
C LYS A 168 -1.73 -11.53 -3.99
N VAL A 169 -1.29 -10.75 -4.98
CA VAL A 169 -1.54 -9.31 -4.97
C VAL A 169 -2.08 -8.75 -6.28
N ILE A 170 -2.81 -7.64 -6.21
CA ILE A 170 -3.41 -7.05 -7.41
C ILE A 170 -2.41 -6.42 -8.38
N MET A 171 -1.19 -6.19 -7.91
CA MET A 171 -0.15 -5.60 -8.75
C MET A 171 0.16 -6.41 -9.99
N ALA A 172 0.16 -7.73 -9.83
CA ALA A 172 0.48 -8.64 -10.92
C ALA A 172 -0.25 -8.32 -12.21
N LYS A 173 -1.51 -7.92 -12.11
CA LYS A 173 -2.29 -7.63 -13.30
C LYS A 173 -2.51 -6.14 -13.62
N LYS A 174 -1.77 -5.27 -12.96
CA LYS A 174 -1.88 -3.85 -13.26
C LYS A 174 -0.97 -3.57 -14.45
N ASN A 175 -1.29 -2.54 -15.23
CA ASN A 175 -0.50 -2.21 -16.41
C ASN A 175 0.04 -0.80 -16.42
N VAL A 176 0.91 -0.52 -17.39
CA VAL A 176 1.50 0.81 -17.54
C VAL A 176 0.37 1.82 -17.50
N GLY A 177 0.53 2.85 -16.67
CA GLY A 177 -0.50 3.86 -16.56
C GLY A 177 -1.28 3.78 -15.25
N ASP A 178 -1.38 2.58 -14.70
CA ASP A 178 -2.11 2.38 -13.43
C ASP A 178 -1.35 2.95 -12.24
N LEU A 179 -2.09 3.35 -11.21
CA LEU A 179 -1.48 3.92 -10.01
C LEU A 179 -1.41 2.93 -8.85
N VAL A 180 -0.33 3.01 -8.08
CA VAL A 180 -0.17 2.16 -6.91
C VAL A 180 0.13 3.05 -5.71
N ASN A 181 -0.24 2.59 -4.52
CA ASN A 181 0.01 3.36 -3.31
C ASN A 181 1.45 3.15 -2.85
N VAL A 182 2.11 4.24 -2.52
CA VAL A 182 3.50 4.18 -2.10
C VAL A 182 3.70 4.61 -0.64
N GLU A 183 4.32 3.72 0.13
CA GLU A 183 4.67 4.04 1.51
C GLU A 183 6.15 3.68 1.60
N VAL A 184 6.99 4.68 1.79
CA VAL A 184 8.41 4.42 1.90
C VAL A 184 8.68 3.87 3.29
N ASP A 185 9.77 3.13 3.44
CA ASP A 185 10.13 2.57 4.72
C ASP A 185 10.31 3.75 5.69
N GLN A 186 9.51 3.76 6.76
CA GLN A 186 9.54 4.84 7.73
C GLN A 186 10.87 5.17 8.38
N ILE A 187 11.74 4.17 8.55
CA ILE A 187 13.03 4.40 9.17
C ILE A 187 13.81 5.53 8.47
N GLY A 188 13.65 5.62 7.16
CA GLY A 188 14.35 6.65 6.39
C GLY A 188 14.03 8.06 6.84
N LYS A 189 12.75 8.34 7.10
CA LYS A 189 12.33 9.66 7.55
C LYS A 189 12.93 9.94 8.92
N TYR A 190 13.08 8.88 9.70
CA TYR A 190 13.65 8.97 11.04
C TYR A 190 15.11 9.41 10.99
N THR A 191 15.91 8.73 10.16
CA THR A 191 17.32 9.04 10.04
C THR A 191 17.54 10.43 9.46
N GLU A 192 16.58 10.92 8.67
CA GLU A 192 16.69 12.24 8.07
C GLU A 192 16.67 13.29 9.18
N LYS A 193 15.68 13.18 10.07
CA LYS A 193 15.55 14.12 11.17
C LYS A 193 16.75 13.98 12.11
N LEU A 194 17.28 12.78 12.22
CA LEU A 194 18.43 12.53 13.09
C LEU A 194 19.63 13.36 12.66
N VAL A 195 19.91 13.36 11.35
CA VAL A 195 21.04 14.13 10.83
C VAL A 195 20.73 15.62 10.91
N GLU A 196 19.45 15.97 10.78
CA GLU A 196 19.03 17.36 10.85
C GLU A 196 19.21 17.87 12.27
N ALA A 197 18.70 17.12 13.23
CA ALA A 197 18.81 17.49 14.64
C ALA A 197 20.28 17.41 15.02
N HIS A 198 21.05 16.67 14.24
CA HIS A 198 22.47 16.50 14.50
C HIS A 198 23.23 17.76 14.10
N ILE A 199 23.13 18.15 12.82
CA ILE A 199 23.81 19.34 12.35
C ILE A 199 23.13 20.58 12.92
N ALA A 200 22.15 20.34 13.79
CA ALA A 200 21.42 21.41 14.45
C ALA A 200 22.27 21.80 15.66
N ASP A 201 23.40 21.11 15.80
CA ASP A 201 24.34 21.34 16.89
C ASP A 201 25.70 21.74 16.30
N TRP A 202 25.99 21.24 15.11
CA TRP A 202 27.25 21.54 14.44
C TRP A 202 27.32 23.02 14.06
#